data_5JIK
#
_entry.id   5JIK
#
_cell.length_a   49.741
_cell.length_b   79.808
_cell.length_c   140.872
_cell.angle_alpha   90.00
_cell.angle_beta   90.00
_cell.angle_gamma   90.00
#
_symmetry.space_group_name_H-M   'P 21 21 21'
#
loop_
_entity.id
_entity.type
_entity.pdbx_description
1 polymer 'Ig gamma-1 chain C region'
2 branched 2-acetamido-2-deoxy-beta-D-glucopyranose-(1-2)-alpha-D-mannopyranose-(1-6)-[alpha-D-mannopyranose-(1-3)]beta-D-mannopyranose-(1-4)-2-acetamido-2-deoxy-beta-D-glucopyranose-(1-4)-2-acetamido-2-deoxy-beta-D-glucopyranose
3 branched alpha-D-mannopyranose-(1-3)-[alpha-D-mannopyranose-(1-6)]beta-D-mannopyranose-(1-4)-2-acetamido-2-deoxy-beta-D-glucopyranose-(1-4)-2-acetamido-2-deoxy-beta-D-glucopyranose
4 water water
#
_entity_poly.entity_id   1
_entity_poly.type   'polypeptide(L)'
_entity_poly.pdbx_seq_one_letter_code
;TCPPCPAPELLGGPSVFLFPPKPKDTLMISRTPEVTCVVVDVSHEDPEVKFNWYVDGVEVHNAKTKPREEQYNSTYRVVS
VLTVLHQDWLNGKEYKCKVSNKALPAPIEKTISKAKGQPREPQVYTLPPSRDEYLYGDVSLTCLVKGFYPSDIAVEWESN
GQPENNYKTTPPVLDSDGSFFLYSKLTVPRHSARMWRWAHGNVFSCSVMHEALHNHYTQKSLSLSPG
;
_entity_poly.pdbx_strand_id   A,B
#
loop_
_chem_comp.id
_chem_comp.type
_chem_comp.name
_chem_comp.formula
BMA D-saccharide, beta linking beta-D-mannopyranose 'C6 H12 O6'
MAN D-saccharide, alpha linking alpha-D-mannopyranose 'C6 H12 O6'
NAG D-saccharide, beta linking 2-acetamido-2-deoxy-beta-D-glucopyranose 'C8 H15 N O6'
#
# COMPACT_ATOMS: atom_id res chain seq x y z
N GLY A 13 -15.45 24.26 0.83
CA GLY A 13 -14.33 25.08 1.28
C GLY A 13 -13.00 24.53 0.81
N PRO A 14 -11.94 25.34 0.94
CA PRO A 14 -10.62 24.88 0.53
C PRO A 14 -10.08 23.78 1.43
N SER A 15 -9.12 23.04 0.90
CA SER A 15 -8.55 21.89 1.57
C SER A 15 -7.04 21.98 1.57
N VAL A 16 -6.42 21.37 2.58
CA VAL A 16 -4.98 21.45 2.80
C VAL A 16 -4.41 20.03 2.79
N PHE A 17 -3.26 19.88 2.14
CA PHE A 17 -2.50 18.65 2.18
C PHE A 17 -1.05 18.98 2.49
N LEU A 18 -0.47 18.22 3.41
CA LEU A 18 0.87 18.49 3.90
C LEU A 18 1.75 17.28 3.63
N PHE A 19 2.87 17.53 2.96
CA PHE A 19 3.69 16.45 2.46
C PHE A 19 5.05 16.43 3.13
N PRO A 20 5.55 15.24 3.48
CA PRO A 20 6.86 15.15 4.14
C PRO A 20 7.98 15.22 3.13
N PRO A 21 9.22 15.35 3.60
CA PRO A 21 10.36 15.26 2.69
C PRO A 21 10.51 13.85 2.14
N LYS A 22 11.21 13.75 1.02
CA LYS A 22 11.51 12.44 0.48
C LYS A 22 12.51 11.74 1.39
N PRO A 23 12.36 10.44 1.64
CA PRO A 23 13.27 9.76 2.58
C PRO A 23 14.73 10.02 2.28
N LYS A 24 15.10 9.99 1.00
CA LYS A 24 16.49 10.19 0.64
C LYS A 24 16.96 11.58 1.07
N ASP A 25 16.06 12.57 1.04
CA ASP A 25 16.45 13.95 1.33
C ASP A 25 16.82 14.16 2.80
N THR A 26 16.19 13.43 3.72
CA THR A 26 16.55 13.61 5.13
C THR A 26 17.86 12.92 5.48
N LEU A 27 18.31 12.00 4.65
CA LEU A 27 19.43 11.12 4.98
C LEU A 27 20.78 11.59 4.42
N MET A 28 20.80 12.56 3.52
CA MET A 28 22.05 13.01 2.94
C MET A 28 22.13 14.52 3.09
N ILE A 29 23.21 14.99 3.71
CA ILE A 29 23.35 16.42 3.96
C ILE A 29 23.45 17.19 2.65
N SER A 30 23.86 16.53 1.57
CA SER A 30 23.94 17.21 0.28
C SER A 30 22.57 17.46 -0.33
N ARG A 31 21.53 16.78 0.13
CA ARG A 31 20.20 16.99 -0.40
C ARG A 31 19.45 17.97 0.51
N THR A 32 18.31 18.43 0.03
CA THR A 32 17.57 19.52 0.69
C THR A 32 16.18 19.04 1.03
N PRO A 33 15.93 18.55 2.25
CA PRO A 33 14.59 18.09 2.58
C PRO A 33 13.65 19.26 2.78
N GLU A 34 12.38 19.03 2.45
CA GLU A 34 11.38 20.07 2.49
C GLU A 34 10.06 19.48 2.92
N VAL A 35 9.26 20.28 3.62
CA VAL A 35 7.86 19.98 3.91
C VAL A 35 7.03 20.92 3.06
N THR A 36 5.95 20.40 2.48
CA THR A 36 5.20 21.12 1.45
C THR A 36 3.74 21.15 1.84
N CYS A 37 3.19 22.36 1.95
CA CYS A 37 1.79 22.59 2.31
C CYS A 37 1.06 23.06 1.06
N VAL A 38 0.13 22.24 0.57
CA VAL A 38 -0.60 22.53 -0.66
C VAL A 38 -2.05 22.85 -0.29
N VAL A 39 -2.55 23.97 -0.80
CA VAL A 39 -3.93 24.39 -0.58
C VAL A 39 -4.66 24.32 -1.92
N VAL A 40 -5.77 23.59 -1.94
CA VAL A 40 -6.58 23.44 -3.13
C VAL A 40 -7.97 24.01 -2.88
N ASP A 41 -8.72 24.15 -3.96
CA ASP A 41 -10.12 24.59 -3.91
C ASP A 41 -10.24 25.96 -3.23
N VAL A 42 -9.29 26.85 -3.52
CA VAL A 42 -9.44 28.25 -3.16
C VAL A 42 -10.28 28.95 -4.21
N SER A 43 -11.26 29.73 -3.77
CA SER A 43 -12.22 30.37 -4.65
C SER A 43 -11.76 31.77 -5.04
N HIS A 44 -12.32 32.27 -6.15
CA HIS A 44 -12.05 33.65 -6.55
C HIS A 44 -12.61 34.66 -5.56
N GLU A 45 -13.79 34.39 -4.99
CA GLU A 45 -14.43 35.38 -4.13
C GLU A 45 -13.57 35.72 -2.92
N ASP A 46 -12.85 34.74 -2.38
CA ASP A 46 -11.93 34.96 -1.27
C ASP A 46 -10.65 34.20 -1.55
N PRO A 47 -9.75 34.78 -2.33
CA PRO A 47 -8.55 34.07 -2.79
C PRO A 47 -7.26 34.39 -2.03
N GLU A 48 -7.30 35.26 -1.02
CA GLU A 48 -6.14 35.52 -0.20
C GLU A 48 -5.96 34.37 0.78
N VAL A 49 -4.75 33.84 0.87
CA VAL A 49 -4.43 32.81 1.86
C VAL A 49 -3.12 33.18 2.54
N LYS A 50 -3.10 33.01 3.86
CA LYS A 50 -1.90 33.23 4.65
C LYS A 50 -1.44 31.91 5.25
N PHE A 51 -0.14 31.65 5.15
CA PHE A 51 0.47 30.50 5.80
C PHE A 51 1.19 30.96 7.05
N ASN A 52 1.00 30.23 8.14
CA ASN A 52 1.86 30.31 9.31
C ASN A 52 2.47 28.92 9.52
N TRP A 53 3.77 28.89 9.76
CA TRP A 53 4.51 27.65 9.98
C TRP A 53 5.00 27.58 11.41
N TYR A 54 4.94 26.39 12.00
CA TYR A 54 5.41 26.17 13.36
C TYR A 54 6.26 24.91 13.38
N VAL A 55 7.38 24.99 14.10
CA VAL A 55 8.22 23.83 14.38
C VAL A 55 8.10 23.54 15.87
N ASP A 56 7.57 22.36 16.20
CA ASP A 56 7.23 22.02 17.57
C ASP A 56 6.47 23.16 18.26
N GLY A 57 5.51 23.73 17.53
CA GLY A 57 4.69 24.81 18.07
C GLY A 57 5.30 26.20 18.04
N VAL A 58 6.58 26.35 17.70
CA VAL A 58 7.25 27.65 17.67
C VAL A 58 7.21 28.17 16.24
N GLU A 59 6.60 29.34 16.04
CA GLU A 59 6.45 29.86 14.68
C GLU A 59 7.82 30.11 14.04
N VAL A 60 7.93 29.77 12.78
CA VAL A 60 9.14 29.97 11.99
C VAL A 60 8.75 30.80 10.77
N HIS A 61 9.74 31.46 10.18
CA HIS A 61 9.46 32.52 9.23
C HIS A 61 10.27 32.40 7.94
N ASN A 62 10.81 31.22 7.62
CA ASN A 62 11.68 31.09 6.46
C ASN A 62 11.07 30.25 5.34
N ALA A 63 9.76 30.03 5.36
CA ALA A 63 9.12 29.29 4.28
C ALA A 63 8.98 30.16 3.04
N LYS A 64 8.98 29.52 1.88
CA LYS A 64 8.89 30.22 0.60
C LYS A 64 7.56 29.85 0.00
N THR A 65 6.67 30.83 -0.07
CA THR A 65 5.30 30.63 -0.53
C THR A 65 5.26 31.07 -1.99
N LYS A 66 4.75 30.20 -2.85
CA LYS A 66 4.77 30.46 -4.28
C LYS A 66 3.53 31.24 -4.68
N PRO A 67 3.50 31.72 -5.92
CA PRO A 67 2.33 32.48 -6.38
C PRO A 67 1.14 31.56 -6.60
N ARG A 68 -0.03 32.02 -6.18
CA ARG A 68 -1.26 31.26 -6.39
C ARG A 68 -1.34 30.85 -7.85
N GLU A 69 -2.05 29.77 -8.12
CA GLU A 69 -2.14 29.19 -9.46
C GLU A 69 -3.60 28.88 -9.76
N GLU A 70 -4.19 29.59 -10.73
CA GLU A 70 -5.55 29.26 -11.13
C GLU A 70 -5.56 27.94 -11.89
N GLN A 71 -6.40 27.01 -11.44
CA GLN A 71 -6.53 25.70 -12.06
C GLN A 71 -7.61 25.74 -13.13
N TYR A 72 -7.63 24.70 -13.97
CA TYR A 72 -8.57 24.68 -15.09
C TYR A 72 -10.02 24.55 -14.62
N ASN A 73 -10.26 24.07 -13.41
CA ASN A 73 -11.60 24.06 -12.85
C ASN A 73 -11.94 25.33 -12.09
N SER A 74 -11.21 26.41 -12.37
CA SER A 74 -11.50 27.74 -11.85
C SER A 74 -11.28 27.84 -10.34
N THR A 75 -10.52 26.93 -9.75
CA THR A 75 -10.04 27.09 -8.39
C THR A 75 -8.59 27.60 -8.44
N TYR A 76 -8.11 28.06 -7.29
CA TYR A 76 -6.72 28.41 -7.12
C TYR A 76 -6.03 27.37 -6.26
N ARG A 77 -4.75 27.16 -6.51
CA ARG A 77 -3.91 26.26 -5.75
C ARG A 77 -2.69 27.04 -5.29
N VAL A 78 -2.45 27.06 -3.98
CA VAL A 78 -1.31 27.79 -3.43
C VAL A 78 -0.48 26.80 -2.64
N VAL A 79 0.84 26.90 -2.76
CA VAL A 79 1.72 25.97 -2.08
C VAL A 79 2.84 26.75 -1.40
N SER A 80 3.15 26.34 -0.17
CA SER A 80 4.25 26.89 0.60
C SER A 80 5.21 25.76 0.98
N VAL A 81 6.50 26.05 0.86
CA VAL A 81 7.55 25.05 1.02
C VAL A 81 8.42 25.50 2.17
N LEU A 82 8.59 24.64 3.16
CA LEU A 82 9.43 24.94 4.31
C LEU A 82 10.62 24.00 4.27
N THR A 83 11.82 24.56 4.15
CA THR A 83 13.01 23.75 4.22
C THR A 83 13.22 23.32 5.67
N VAL A 84 13.57 22.06 5.87
CA VAL A 84 13.76 21.56 7.23
C VAL A 84 15.21 21.15 7.35
N LEU A 85 15.72 21.19 8.57
CA LEU A 85 17.06 20.70 8.83
C LEU A 85 17.02 19.19 9.00
N HIS A 86 17.99 18.51 8.38
CA HIS A 86 18.01 17.06 8.42
C HIS A 86 17.88 16.55 9.84
N GLN A 87 18.62 17.17 10.76
CA GLN A 87 18.62 16.63 12.11
C GLN A 87 17.35 16.96 12.87
N ASP A 88 16.67 18.07 12.53
CA ASP A 88 15.36 18.33 13.14
C ASP A 88 14.37 17.25 12.76
N TRP A 89 14.32 16.92 11.47
CA TRP A 89 13.38 15.90 11.03
C TRP A 89 13.68 14.57 11.72
N LEU A 90 14.95 14.16 11.74
CA LEU A 90 15.30 12.87 12.33
C LEU A 90 15.20 12.89 13.86
N ASN A 91 15.21 14.07 14.47
CA ASN A 91 15.00 14.19 15.92
C ASN A 91 13.51 14.27 16.27
N GLY A 92 12.63 14.17 15.29
CA GLY A 92 11.21 14.02 15.54
C GLY A 92 10.45 15.30 15.70
N LYS A 93 10.97 16.42 15.22
CA LYS A 93 10.24 17.67 15.39
C LYS A 93 8.95 17.62 14.59
N GLU A 94 7.94 18.32 15.09
CA GLU A 94 6.66 18.39 14.42
C GLU A 94 6.59 19.67 13.62
N TYR A 95 6.13 19.56 12.38
CA TYR A 95 6.00 20.68 11.46
C TYR A 95 4.52 20.92 11.22
N LYS A 96 4.07 22.14 11.51
CA LYS A 96 2.66 22.48 11.41
C LYS A 96 2.49 23.59 10.39
N CYS A 97 1.60 23.35 9.42
CA CYS A 97 1.16 24.36 8.47
C CYS A 97 -0.22 24.85 8.89
N LYS A 98 -0.35 26.15 9.14
CA LYS A 98 -1.66 26.77 9.41
C LYS A 98 -2.03 27.63 8.23
N VAL A 99 -3.22 27.39 7.66
CA VAL A 99 -3.66 28.03 6.43
C VAL A 99 -4.90 28.86 6.72
N SER A 100 -4.82 30.15 6.41
CA SER A 100 -5.92 31.08 6.65
C SER A 100 -6.51 31.53 5.32
N ASN A 101 -7.83 31.64 5.29
CA ASN A 101 -8.57 32.09 4.12
C ASN A 101 -9.90 32.66 4.59
N LYS A 102 -10.37 33.72 3.94
CA LYS A 102 -11.60 34.36 4.40
C LYS A 102 -12.82 33.50 4.15
N ALA A 103 -12.73 32.50 3.28
CA ALA A 103 -13.81 31.54 3.09
C ALA A 103 -13.91 30.52 4.22
N LEU A 104 -12.85 30.34 4.99
CA LEU A 104 -12.82 29.36 6.07
C LEU A 104 -13.31 29.99 7.38
N PRO A 105 -14.07 29.25 8.18
CA PRO A 105 -14.47 29.78 9.51
C PRO A 105 -13.24 29.95 10.39
N ALA A 106 -12.54 28.84 10.60
CA ALA A 106 -11.28 28.80 11.32
C ALA A 106 -10.15 28.44 10.38
N PRO A 107 -8.91 28.77 10.73
CA PRO A 107 -7.77 28.34 9.92
C PRO A 107 -7.59 26.83 9.99
N ILE A 108 -7.15 26.25 8.88
CA ILE A 108 -6.89 24.82 8.80
C ILE A 108 -5.45 24.58 9.24
N GLU A 109 -5.28 23.68 10.20
CA GLU A 109 -3.97 23.26 10.68
C GLU A 109 -3.72 21.82 10.30
N LYS A 110 -2.56 21.56 9.70
CA LYS A 110 -2.08 20.22 9.43
C LYS A 110 -0.69 20.09 10.03
N THR A 111 -0.39 18.93 10.59
CA THR A 111 0.90 18.69 11.24
C THR A 111 1.49 17.42 10.67
N ILE A 112 2.81 17.39 10.54
CA ILE A 112 3.49 16.19 10.08
C ILE A 112 4.82 16.05 10.80
N SER A 113 5.27 14.80 10.91
CA SER A 113 6.56 14.50 11.50
C SER A 113 6.93 13.09 11.09
N LYS A 114 8.18 12.73 11.35
CA LYS A 114 8.60 11.35 11.29
C LYS A 114 7.75 10.48 12.22
N ALA A 115 7.54 9.24 11.82
CA ALA A 115 6.75 8.30 12.62
C ALA A 115 7.39 8.13 14.00
N LYS A 116 6.55 8.12 15.03
N LYS A 116 6.55 8.12 15.03
CA LYS A 116 7.03 8.04 16.40
CA LYS A 116 7.05 8.06 16.39
C LYS A 116 7.41 6.61 16.73
C LYS A 116 7.39 6.62 16.76
N GLY A 117 8.49 6.47 17.51
CA GLY A 117 9.00 5.17 17.87
C GLY A 117 10.51 5.11 17.78
N GLN A 118 11.10 4.08 18.35
CA GLN A 118 12.55 3.96 18.38
C GLN A 118 13.04 3.42 17.04
N PRO A 119 14.03 4.06 16.41
CA PRO A 119 14.48 3.57 15.11
C PRO A 119 15.13 2.20 15.23
N ARG A 120 14.92 1.38 14.20
CA ARG A 120 15.52 0.05 14.15
C ARG A 120 16.23 -0.16 12.82
N GLU A 121 17.41 -0.76 12.90
CA GLU A 121 18.28 -0.88 11.74
C GLU A 121 17.78 -1.99 10.82
N PRO A 122 17.72 -1.76 9.51
CA PRO A 122 17.34 -2.84 8.59
C PRO A 122 18.44 -3.89 8.43
N GLN A 123 18.01 -5.13 8.27
CA GLN A 123 18.85 -6.21 7.78
C GLN A 123 18.58 -6.36 6.30
N VAL A 124 19.62 -6.56 5.51
CA VAL A 124 19.51 -6.63 4.06
C VAL A 124 20.05 -7.98 3.62
N TYR A 125 19.24 -8.71 2.87
CA TYR A 125 19.61 -10.03 2.38
C TYR A 125 19.29 -10.08 0.90
N THR A 126 20.23 -10.62 0.13
CA THR A 126 20.04 -10.81 -1.30
C THR A 126 19.82 -12.29 -1.55
N LEU A 127 18.82 -12.60 -2.37
CA LEU A 127 18.45 -13.97 -2.63
C LEU A 127 18.49 -14.18 -4.13
N PRO A 128 19.21 -15.20 -4.60
CA PRO A 128 19.34 -15.40 -6.03
C PRO A 128 18.07 -16.02 -6.58
N PRO A 129 17.90 -16.06 -7.90
CA PRO A 129 16.70 -16.69 -8.48
C PRO A 129 16.60 -18.16 -8.11
N SER A 130 15.36 -18.60 -7.91
CA SER A 130 15.10 -20.03 -7.88
C SER A 130 15.64 -20.64 -9.16
N ARG A 131 16.24 -21.82 -9.05
CA ARG A 131 16.78 -22.46 -10.26
C ARG A 131 15.66 -22.75 -11.26
N ASP A 132 14.42 -22.89 -10.79
CA ASP A 132 13.30 -23.12 -11.69
C ASP A 132 13.04 -21.94 -12.61
N GLU A 133 13.36 -20.72 -12.15
CA GLU A 133 12.96 -19.55 -12.92
C GLU A 133 13.74 -19.44 -14.22
N TYR A 134 14.90 -20.08 -14.30
CA TYR A 134 15.76 -19.94 -15.46
C TYR A 134 15.13 -20.52 -16.71
N LEU A 135 14.18 -21.44 -16.55
CA LEU A 135 13.43 -21.96 -17.70
C LEU A 135 12.64 -20.87 -18.40
N TYR A 136 12.57 -19.67 -17.82
CA TYR A 136 12.08 -18.47 -18.47
C TYR A 136 13.26 -17.58 -18.85
N GLY A 137 13.02 -16.65 -19.76
CA GLY A 137 14.08 -15.80 -20.29
C GLY A 137 14.57 -14.70 -19.38
N ASP A 138 13.85 -14.43 -18.30
CA ASP A 138 14.23 -13.40 -17.33
C ASP A 138 14.10 -13.95 -15.92
N VAL A 139 15.07 -13.63 -15.07
CA VAL A 139 15.11 -14.11 -13.71
C VAL A 139 15.09 -12.92 -12.76
N SER A 140 14.73 -13.18 -11.52
CA SER A 140 14.48 -12.15 -10.52
C SER A 140 15.53 -12.24 -9.43
N LEU A 141 16.22 -11.13 -9.17
CA LEU A 141 17.12 -11.03 -8.04
C LEU A 141 16.36 -10.34 -6.91
N THR A 142 16.36 -10.95 -5.74
CA THR A 142 15.54 -10.49 -4.63
C THR A 142 16.42 -9.86 -3.55
N CYS A 143 15.93 -8.75 -2.99
CA CYS A 143 16.60 -8.06 -1.90
C CYS A 143 15.59 -7.93 -0.78
N LEU A 144 15.84 -8.64 0.31
CA LEU A 144 14.94 -8.60 1.45
C LEU A 144 15.51 -7.60 2.45
N VAL A 145 14.69 -6.61 2.81
CA VAL A 145 15.03 -5.59 3.78
C VAL A 145 14.00 -5.68 4.89
N LYS A 146 14.41 -6.11 6.08
CA LYS A 146 13.46 -6.38 7.14
C LYS A 146 13.94 -5.77 8.45
N GLY A 147 12.99 -5.64 9.39
CA GLY A 147 13.28 -5.19 10.74
C GLY A 147 13.55 -3.71 10.90
N PHE A 148 13.16 -2.87 9.95
CA PHE A 148 13.46 -1.45 10.06
C PHE A 148 12.31 -0.64 10.63
N TYR A 149 12.66 0.47 11.24
CA TYR A 149 11.70 1.44 11.72
C TYR A 149 12.43 2.78 11.77
N PRO A 150 11.76 3.87 11.36
CA PRO A 150 10.41 3.90 10.79
C PRO A 150 10.41 3.36 9.36
N SER A 151 9.28 3.44 8.69
CA SER A 151 9.16 2.81 7.38
C SER A 151 9.78 3.64 6.27
N ASP A 152 10.31 4.83 6.57
CA ASP A 152 10.91 5.70 5.55
C ASP A 152 12.25 5.13 5.13
N ILE A 153 12.40 4.84 3.85
CA ILE A 153 13.54 4.06 3.38
C ILE A 153 13.70 4.29 1.88
N ALA A 154 14.93 4.06 1.39
CA ALA A 154 15.21 4.12 -0.04
C ALA A 154 15.95 2.85 -0.44
N VAL A 155 15.55 2.23 -1.54
CA VAL A 155 16.17 1.00 -1.99
C VAL A 155 16.46 1.16 -3.48
N GLU A 156 17.67 0.82 -3.88
CA GLU A 156 18.08 0.96 -5.27
C GLU A 156 18.97 -0.20 -5.63
N TRP A 157 19.14 -0.40 -6.94
CA TRP A 157 20.04 -1.41 -7.44
C TRP A 157 21.10 -0.78 -8.32
N GLU A 158 22.26 -1.42 -8.35
CA GLU A 158 23.31 -1.04 -9.28
C GLU A 158 24.08 -2.31 -9.63
N SER A 159 24.88 -2.20 -10.69
CA SER A 159 25.85 -3.24 -11.01
C SER A 159 27.10 -2.56 -11.52
N ASN A 160 28.25 -3.10 -11.14
CA ASN A 160 29.54 -2.55 -11.54
C ASN A 160 29.57 -1.04 -11.33
N GLY A 161 28.97 -0.60 -10.22
CA GLY A 161 29.01 0.79 -9.82
C GLY A 161 28.03 1.69 -10.54
N GLN A 162 27.24 1.18 -11.47
CA GLN A 162 26.30 2.02 -12.20
C GLN A 162 24.87 1.60 -11.89
N PRO A 163 23.93 2.54 -11.94
CA PRO A 163 22.54 2.20 -11.59
C PRO A 163 21.94 1.16 -12.53
N GLU A 164 21.14 0.26 -11.95
CA GLU A 164 20.31 -0.69 -12.69
C GLU A 164 18.85 -0.35 -12.41
N ASN A 165 18.06 -0.13 -13.46
CA ASN A 165 16.72 0.42 -13.28
C ASN A 165 15.57 -0.53 -13.63
N ASN A 166 15.84 -1.77 -13.99
CA ASN A 166 14.75 -2.73 -14.26
C ASN A 166 14.27 -3.40 -12.97
N TYR A 167 13.95 -2.62 -11.93
CA TYR A 167 13.55 -3.19 -10.65
C TYR A 167 12.27 -2.54 -10.13
N LYS A 168 11.59 -3.27 -9.26
CA LYS A 168 10.40 -2.80 -8.57
C LYS A 168 10.55 -3.17 -7.11
N THR A 169 9.98 -2.36 -6.24
CA THR A 169 10.08 -2.55 -4.80
C THR A 169 8.70 -2.54 -4.19
N THR A 170 8.44 -3.47 -3.27
CA THR A 170 7.14 -3.48 -2.62
C THR A 170 7.08 -2.29 -1.67
N PRO A 171 5.89 -1.78 -1.35
CA PRO A 171 5.78 -0.85 -0.23
C PRO A 171 6.19 -1.56 1.04
N PRO A 172 6.51 -0.81 2.11
CA PRO A 172 6.84 -1.49 3.37
C PRO A 172 5.61 -2.16 3.95
N VAL A 173 5.83 -3.30 4.56
CA VAL A 173 4.78 -4.07 5.21
C VAL A 173 5.09 -4.13 6.70
N LEU A 174 4.10 -3.79 7.51
CA LEU A 174 4.21 -3.92 8.96
C LEU A 174 4.34 -5.39 9.34
N ASP A 175 5.45 -5.73 9.97
CA ASP A 175 5.68 -7.09 10.43
C ASP A 175 5.10 -7.25 11.84
N SER A 176 5.10 -8.50 12.33
CA SER A 176 4.44 -8.82 13.58
C SER A 176 5.10 -8.16 14.79
N ASP A 177 6.39 -7.84 14.71
CA ASP A 177 7.10 -7.22 15.83
C ASP A 177 7.07 -5.69 15.80
N GLY A 178 6.23 -5.09 14.95
CA GLY A 178 6.13 -3.65 14.86
C GLY A 178 7.13 -3.00 13.95
N SER A 179 8.14 -3.73 13.48
CA SER A 179 9.02 -3.22 12.47
C SER A 179 8.39 -3.46 11.11
N PHE A 180 9.07 -2.99 10.07
CA PHE A 180 8.62 -3.12 8.70
C PHE A 180 9.59 -4.01 7.91
N PHE A 181 9.08 -4.58 6.82
CA PHE A 181 9.95 -5.21 5.83
C PHE A 181 9.45 -4.84 4.43
N LEU A 182 10.32 -5.09 3.46
CA LEU A 182 9.93 -4.93 2.08
C LEU A 182 10.83 -5.81 1.25
N TYR A 183 10.40 -6.05 0.01
CA TYR A 183 11.23 -6.71 -0.98
C TYR A 183 11.39 -5.84 -2.22
N SER A 184 12.54 -6.00 -2.84
CA SER A 184 12.84 -5.32 -4.08
C SER A 184 13.32 -6.37 -5.06
N LYS A 185 12.80 -6.30 -6.27
CA LYS A 185 13.05 -7.31 -7.28
C LYS A 185 13.71 -6.69 -8.49
N LEU A 186 14.91 -7.17 -8.81
CA LEU A 186 15.60 -6.77 -10.03
C LEU A 186 15.44 -7.88 -11.06
N THR A 187 14.93 -7.50 -12.23
CA THR A 187 14.77 -8.43 -13.34
C THR A 187 15.96 -8.28 -14.28
N VAL A 188 16.64 -9.40 -14.54
CA VAL A 188 17.73 -9.43 -15.52
C VAL A 188 17.59 -10.68 -16.38
N PRO A 189 17.94 -10.56 -17.67
CA PRO A 189 17.85 -11.78 -18.47
C PRO A 189 19.08 -12.68 -18.31
N GLY A 201 27.16 -7.79 -16.52
CA GLY A 201 27.54 -7.37 -15.19
C GLY A 201 27.16 -8.38 -14.12
N ASN A 202 28.04 -9.35 -13.89
CA ASN A 202 27.74 -10.46 -12.99
C ASN A 202 27.67 -10.06 -11.52
N VAL A 203 27.93 -8.80 -11.15
CA VAL A 203 27.84 -8.37 -9.76
C VAL A 203 26.70 -7.36 -9.64
N PHE A 204 25.71 -7.68 -8.83
CA PHE A 204 24.53 -6.85 -8.63
C PHE A 204 24.47 -6.43 -7.17
N SER A 205 24.10 -5.19 -6.91
CA SER A 205 24.09 -4.68 -5.55
C SER A 205 22.75 -4.06 -5.21
N CYS A 206 22.23 -4.41 -4.05
CA CYS A 206 21.03 -3.81 -3.47
C CYS A 206 21.49 -2.79 -2.44
N SER A 207 21.15 -1.52 -2.67
CA SER A 207 21.58 -0.43 -1.82
C SER A 207 20.40 0.08 -1.01
N VAL A 208 20.58 0.26 0.30
CA VAL A 208 19.50 0.64 1.19
C VAL A 208 19.92 1.86 2.00
N MET A 209 19.08 2.89 2.01
CA MET A 209 19.31 4.05 2.86
C MET A 209 18.22 4.15 3.91
N HIS A 210 18.63 4.36 5.15
CA HIS A 210 17.71 4.39 6.26
C HIS A 210 18.43 5.05 7.42
N GLU A 211 17.66 5.78 8.23
CA GLU A 211 18.26 6.59 9.29
C GLU A 211 19.06 5.76 10.30
N ALA A 212 18.72 4.50 10.48
CA ALA A 212 19.32 3.66 11.52
C ALA A 212 20.56 2.94 11.04
N LEU A 213 20.96 3.11 9.78
CA LEU A 213 22.17 2.51 9.25
C LEU A 213 23.34 3.46 9.42
N HIS A 214 24.53 2.89 9.56
CA HIS A 214 25.76 3.67 9.59
C HIS A 214 25.93 4.48 8.31
N ASN A 215 26.18 5.78 8.46
CA ASN A 215 26.26 6.68 7.32
C ASN A 215 25.01 6.59 6.46
N HIS A 216 23.92 6.12 7.07
CA HIS A 216 22.60 6.01 6.45
C HIS A 216 22.60 5.18 5.17
N TYR A 217 23.57 4.29 5.01
CA TYR A 217 23.71 3.57 3.76
C TYR A 217 24.30 2.19 4.05
N THR A 218 23.85 1.20 3.28
CA THR A 218 24.51 -0.10 3.27
C THR A 218 24.21 -0.74 1.92
N GLN A 219 25.11 -1.65 1.50
CA GLN A 219 24.98 -2.40 0.26
C GLN A 219 25.11 -3.89 0.55
N LYS A 220 24.39 -4.69 -0.22
CA LYS A 220 24.58 -6.13 -0.23
C LYS A 220 24.61 -6.57 -1.69
N SER A 221 25.67 -7.28 -2.06
CA SER A 221 25.89 -7.70 -3.44
C SER A 221 25.52 -9.15 -3.63
N LEU A 222 25.32 -9.52 -4.90
CA LEU A 222 24.96 -10.88 -5.30
C LEU A 222 25.67 -11.24 -6.59
N SER A 223 26.41 -12.35 -6.59
CA SER A 223 27.12 -12.82 -7.78
C SER A 223 26.19 -13.71 -8.60
N LEU A 224 26.13 -13.47 -9.91
CA LEU A 224 25.21 -14.21 -10.78
C LEU A 224 23.79 -14.12 -10.22
N GLY B 13 -23.08 16.09 2.75
CA GLY B 13 -23.89 14.89 2.77
C GLY B 13 -23.08 13.62 2.94
N PRO B 14 -23.76 12.52 3.24
CA PRO B 14 -23.07 11.23 3.46
C PRO B 14 -22.40 10.70 2.20
N SER B 15 -21.50 9.74 2.42
CA SER B 15 -20.64 9.20 1.36
C SER B 15 -20.76 7.68 1.30
N VAL B 16 -20.48 7.13 0.11
CA VAL B 16 -20.64 5.72 -0.19
C VAL B 16 -19.31 5.13 -0.64
N PHE B 17 -19.05 3.90 -0.20
CA PHE B 17 -17.90 3.12 -0.66
C PHE B 17 -18.39 1.72 -1.03
N LEU B 18 -17.93 1.20 -2.16
CA LEU B 18 -18.36 -0.10 -2.64
C LEU B 18 -17.16 -1.03 -2.74
N PHE B 19 -17.27 -2.22 -2.15
CA PHE B 19 -16.13 -3.11 -1.99
C PHE B 19 -16.30 -4.42 -2.74
N PRO B 20 -15.22 -4.95 -3.32
CA PRO B 20 -15.33 -6.20 -4.07
C PRO B 20 -15.34 -7.40 -3.15
N PRO B 21 -15.62 -8.59 -3.66
CA PRO B 21 -15.49 -9.80 -2.85
C PRO B 21 -14.04 -10.11 -2.54
N LYS B 22 -13.84 -10.88 -1.48
CA LYS B 22 -12.50 -11.36 -1.16
C LYS B 22 -12.05 -12.36 -2.22
N PRO B 23 -10.80 -12.29 -2.68
CA PRO B 23 -10.36 -13.17 -3.77
C PRO B 23 -10.60 -14.65 -3.52
N LYS B 24 -10.30 -15.13 -2.31
CA LYS B 24 -10.47 -16.55 -2.00
C LYS B 24 -11.91 -17.00 -2.17
N ASP B 25 -12.87 -16.11 -1.89
CA ASP B 25 -14.28 -16.47 -1.95
C ASP B 25 -14.76 -16.69 -3.37
N THR B 26 -14.20 -15.95 -4.33
CA THR B 26 -14.62 -16.11 -5.72
C THR B 26 -14.08 -17.39 -6.35
N LEU B 27 -13.02 -17.96 -5.79
CA LEU B 27 -12.27 -19.00 -6.48
C LEU B 27 -12.63 -20.40 -6.02
N MET B 28 -13.40 -20.54 -4.94
CA MET B 28 -13.80 -21.85 -4.41
C MET B 28 -15.31 -21.88 -4.28
N ILE B 29 -15.93 -22.85 -4.95
CA ILE B 29 -17.39 -22.92 -5.00
C ILE B 29 -17.98 -23.12 -3.61
N SER B 30 -17.19 -23.64 -2.67
CA SER B 30 -17.67 -23.87 -1.32
C SER B 30 -17.83 -22.57 -0.53
N ARG B 31 -17.22 -21.49 -0.98
CA ARG B 31 -17.26 -20.21 -0.30
C ARG B 31 -18.34 -19.30 -0.91
N THR B 32 -18.59 -18.18 -0.23
CA THR B 32 -19.71 -17.29 -0.55
C THR B 32 -19.18 -15.89 -0.82
N PRO B 33 -18.91 -15.53 -2.07
CA PRO B 33 -18.39 -14.19 -2.37
C PRO B 33 -19.50 -13.13 -2.30
N GLU B 34 -19.10 -11.93 -1.88
CA GLU B 34 -20.06 -10.86 -1.63
C GLU B 34 -19.49 -9.51 -2.05
N VAL B 35 -20.40 -8.62 -2.44
CA VAL B 35 -20.12 -7.21 -2.65
C VAL B 35 -20.74 -6.43 -1.50
N THR B 36 -20.02 -5.43 -1.00
CA THR B 36 -20.39 -4.73 0.23
C THR B 36 -20.47 -3.24 -0.05
N CYS B 37 -21.63 -2.66 0.22
CA CYS B 37 -21.88 -1.24 0.00
C CYS B 37 -21.93 -0.58 1.38
N VAL B 38 -20.96 0.28 1.67
CA VAL B 38 -20.78 0.88 2.99
C VAL B 38 -21.16 2.35 2.89
N VAL B 39 -22.02 2.80 3.79
CA VAL B 39 -22.43 4.19 3.86
C VAL B 39 -21.90 4.79 5.17
N VAL B 40 -21.18 5.90 5.06
CA VAL B 40 -20.60 6.55 6.23
C VAL B 40 -21.31 7.89 6.43
N ASP B 41 -21.11 8.47 7.62
CA ASP B 41 -21.63 9.80 7.94
C ASP B 41 -23.14 9.90 7.72
N VAL B 42 -23.87 8.86 8.12
CA VAL B 42 -25.32 8.96 8.20
C VAL B 42 -25.68 9.63 9.52
N SER B 43 -26.49 10.68 9.46
CA SER B 43 -26.80 11.49 10.62
C SER B 43 -28.10 11.06 11.29
N HIS B 44 -28.24 11.49 12.55
CA HIS B 44 -29.49 11.28 13.27
C HIS B 44 -30.64 12.01 12.59
N GLU B 45 -30.41 13.26 12.18
CA GLU B 45 -31.48 14.07 11.60
C GLU B 45 -32.03 13.45 10.32
N ASP B 46 -31.17 12.89 9.47
CA ASP B 46 -31.58 12.20 8.24
C ASP B 46 -31.00 10.79 8.27
N PRO B 47 -31.64 9.86 9.00
CA PRO B 47 -31.06 8.52 9.18
C PRO B 47 -31.64 7.40 8.32
N GLU B 48 -32.66 7.64 7.51
CA GLU B 48 -33.14 6.61 6.59
C GLU B 48 -32.28 6.57 5.34
N VAL B 49 -31.82 5.37 4.96
CA VAL B 49 -31.08 5.17 3.72
C VAL B 49 -31.61 3.93 3.02
N LYS B 50 -31.82 4.02 1.71
CA LYS B 50 -32.35 2.94 0.89
C LYS B 50 -31.22 2.36 0.02
N PHE B 51 -31.46 1.15 -0.49
CA PHE B 51 -30.54 0.48 -1.41
C PHE B 51 -31.27 -0.14 -2.58
N ASN B 52 -30.75 0.08 -3.79
CA ASN B 52 -31.10 -0.68 -4.98
C ASN B 52 -29.84 -1.34 -5.54
N TRP B 53 -29.94 -2.61 -5.90
CA TRP B 53 -28.82 -3.33 -6.49
C TRP B 53 -29.11 -3.68 -7.94
N TYR B 54 -28.08 -3.57 -8.78
CA TYR B 54 -28.18 -3.88 -10.19
C TYR B 54 -26.99 -4.72 -10.60
N VAL B 55 -27.25 -5.79 -11.35
CA VAL B 55 -26.23 -6.61 -11.96
C VAL B 55 -26.31 -6.37 -13.46
N ASP B 56 -25.23 -5.82 -14.03
CA ASP B 56 -25.21 -5.39 -15.42
C ASP B 56 -26.43 -4.53 -15.74
N GLY B 57 -26.76 -3.61 -14.83
CA GLY B 57 -27.90 -2.74 -14.99
C GLY B 57 -29.24 -3.37 -14.66
N VAL B 58 -29.30 -4.68 -14.44
CA VAL B 58 -30.54 -5.39 -14.18
C VAL B 58 -30.77 -5.41 -12.67
N GLU B 59 -31.90 -4.86 -12.24
CA GLU B 59 -32.17 -4.80 -10.81
C GLU B 59 -32.25 -6.20 -10.24
N VAL B 60 -31.67 -6.36 -9.06
CA VAL B 60 -31.69 -7.62 -8.33
C VAL B 60 -32.30 -7.34 -6.97
N HIS B 61 -32.83 -8.40 -6.35
CA HIS B 61 -33.66 -8.25 -5.17
C HIS B 61 -33.25 -9.19 -4.05
N ASN B 62 -32.00 -9.69 -4.07
CA ASN B 62 -31.54 -10.64 -3.08
C ASN B 62 -30.50 -10.05 -2.13
N ALA B 63 -30.40 -8.71 -2.05
CA ALA B 63 -29.48 -8.08 -1.12
C ALA B 63 -30.05 -8.04 0.30
N LYS B 64 -29.16 -8.09 1.28
CA LYS B 64 -29.50 -8.07 2.70
C LYS B 64 -28.80 -6.91 3.40
N THR B 65 -29.59 -6.06 4.07
CA THR B 65 -29.07 -4.86 4.72
C THR B 65 -28.73 -5.15 6.18
N LYS B 66 -27.53 -4.76 6.60
CA LYS B 66 -26.99 -5.08 7.92
C LYS B 66 -27.41 -4.02 8.93
N PRO B 67 -27.15 -4.24 10.23
CA PRO B 67 -27.58 -3.27 11.25
C PRO B 67 -26.65 -2.05 11.31
N ARG B 68 -27.26 -0.87 11.29
CA ARG B 68 -26.47 0.35 11.43
C ARG B 68 -25.78 0.42 12.78
N GLU B 69 -24.70 1.19 12.82
CA GLU B 69 -23.83 1.30 13.98
C GLU B 69 -23.54 2.77 14.25
N GLU B 70 -23.97 3.26 15.41
CA GLU B 70 -23.63 4.62 15.80
C GLU B 70 -22.12 4.67 16.07
N GLN B 71 -21.44 5.57 15.38
CA GLN B 71 -20.00 5.70 15.51
C GLN B 71 -19.65 6.70 16.61
N TYR B 72 -18.40 6.64 17.06
CA TYR B 72 -17.95 7.48 18.16
C TYR B 72 -18.01 8.96 17.80
N ASN B 73 -17.98 9.31 16.52
CA ASN B 73 -18.15 10.70 16.09
C ASN B 73 -19.62 11.06 15.87
N SER B 74 -20.55 10.30 16.47
CA SER B 74 -21.98 10.59 16.44
C SER B 74 -22.59 10.43 15.06
N THR B 75 -21.89 9.76 14.15
CA THR B 75 -22.43 9.40 12.85
C THR B 75 -22.94 7.96 12.86
N TYR B 76 -23.70 7.61 11.83
CA TYR B 76 -24.15 6.25 11.63
C TYR B 76 -23.46 5.63 10.42
N ARG B 77 -23.26 4.32 10.50
CA ARG B 77 -22.65 3.53 9.44
C ARG B 77 -23.64 2.43 9.06
N VAL B 78 -24.02 2.39 7.79
CA VAL B 78 -24.99 1.44 7.28
C VAL B 78 -24.33 0.59 6.20
N VAL B 79 -24.67 -0.69 6.16
CA VAL B 79 -24.06 -1.63 5.23
C VAL B 79 -25.14 -2.47 4.56
N SER B 80 -25.00 -2.66 3.25
CA SER B 80 -25.83 -3.56 2.47
C SER B 80 -24.92 -4.57 1.78
N VAL B 81 -25.28 -5.85 1.84
CA VAL B 81 -24.44 -6.93 1.36
C VAL B 81 -25.21 -7.74 0.33
N LEU B 82 -24.62 -7.89 -0.85
CA LEU B 82 -25.18 -8.65 -1.96
C LEU B 82 -24.28 -9.86 -2.25
N THR B 83 -24.84 -11.06 -2.14
CA THR B 83 -24.13 -12.26 -2.56
C THR B 83 -24.06 -12.33 -4.08
N VAL B 84 -22.90 -12.69 -4.61
CA VAL B 84 -22.68 -12.80 -6.04
C VAL B 84 -22.32 -14.23 -6.40
N LEU B 85 -22.62 -14.61 -7.64
CA LEU B 85 -22.22 -15.91 -8.14
C LEU B 85 -20.76 -15.86 -8.60
N HIS B 86 -20.03 -16.91 -8.27
CA HIS B 86 -18.61 -16.96 -8.56
C HIS B 86 -18.34 -16.59 -10.01
N GLN B 87 -19.08 -17.19 -10.93
CA GLN B 87 -18.81 -17.02 -12.36
C GLN B 87 -19.28 -15.67 -12.89
N ASP B 88 -20.31 -15.07 -12.29
CA ASP B 88 -20.66 -13.70 -12.66
C ASP B 88 -19.51 -12.76 -12.35
N TRP B 89 -18.93 -12.88 -11.17
CA TRP B 89 -17.80 -12.04 -10.82
C TRP B 89 -16.64 -12.28 -11.77
N LEU B 90 -16.29 -13.56 -11.98
CA LEU B 90 -15.12 -13.90 -12.78
C LEU B 90 -15.30 -13.69 -14.28
N ASN B 91 -16.52 -13.59 -14.78
CA ASN B 91 -16.75 -13.28 -16.19
C ASN B 91 -16.87 -11.79 -16.45
N GLY B 92 -16.72 -10.95 -15.43
CA GLY B 92 -16.64 -9.51 -15.61
C GLY B 92 -17.93 -8.73 -15.49
N LYS B 93 -18.96 -9.28 -14.83
CA LYS B 93 -20.20 -8.52 -14.66
C LYS B 93 -19.98 -7.34 -13.73
N GLU B 94 -20.77 -6.28 -13.92
CA GLU B 94 -20.72 -5.09 -13.10
C GLU B 94 -21.85 -5.08 -12.07
N TYR B 95 -21.52 -4.66 -10.85
CA TYR B 95 -22.46 -4.60 -9.73
C TYR B 95 -22.63 -3.15 -9.28
N LYS B 96 -23.86 -2.66 -9.29
CA LYS B 96 -24.16 -1.26 -8.99
C LYS B 96 -24.98 -1.18 -7.70
N CYS B 97 -24.47 -0.43 -6.72
CA CYS B 97 -25.20 -0.11 -5.50
C CYS B 97 -25.71 1.32 -5.59
N LYS B 98 -27.02 1.51 -5.46
CA LYS B 98 -27.64 2.83 -5.44
C LYS B 98 -28.15 3.14 -4.03
N VAL B 99 -27.73 4.28 -3.50
CA VAL B 99 -28.05 4.67 -2.12
C VAL B 99 -28.90 5.93 -2.17
N SER B 100 -30.09 5.86 -1.58
CA SER B 100 -30.99 7.01 -1.52
C SER B 100 -31.13 7.50 -0.09
N ASN B 101 -31.07 8.83 0.08
CA ASN B 101 -31.30 9.47 1.36
C ASN B 101 -31.75 10.90 1.05
N LYS B 102 -32.70 11.40 1.84
CA LYS B 102 -33.25 12.71 1.57
C LYS B 102 -32.27 13.83 1.90
N ALA B 103 -31.22 13.54 2.68
CA ALA B 103 -30.17 14.53 2.87
C ALA B 103 -29.28 14.65 1.64
N LEU B 104 -29.23 13.62 0.81
CA LEU B 104 -28.49 13.68 -0.43
C LEU B 104 -29.42 14.13 -1.55
N PRO B 105 -28.96 14.97 -2.48
CA PRO B 105 -29.86 15.45 -3.54
C PRO B 105 -30.33 14.35 -4.47
N ALA B 106 -29.41 13.71 -5.16
CA ALA B 106 -29.71 12.62 -6.06
C ALA B 106 -29.19 11.31 -5.48
N PRO B 107 -29.73 10.18 -5.91
CA PRO B 107 -29.23 8.90 -5.41
C PRO B 107 -27.79 8.68 -5.86
N ILE B 108 -26.99 8.12 -4.97
CA ILE B 108 -25.58 7.84 -5.27
C ILE B 108 -25.48 6.46 -5.88
N GLU B 109 -24.83 6.38 -7.03
CA GLU B 109 -24.57 5.11 -7.70
C GLU B 109 -23.08 4.84 -7.66
N LYS B 110 -22.72 3.62 -7.24
CA LYS B 110 -21.35 3.14 -7.31
C LYS B 110 -21.34 1.79 -8.00
N THR B 111 -20.32 1.56 -8.82
CA THR B 111 -20.19 0.34 -9.59
C THR B 111 -18.82 -0.27 -9.36
N ILE B 112 -18.76 -1.59 -9.41
CA ILE B 112 -17.52 -2.32 -9.28
C ILE B 112 -17.60 -3.57 -10.15
N SER B 113 -16.43 -4.06 -10.54
CA SER B 113 -16.33 -5.32 -11.28
C SER B 113 -14.88 -5.77 -11.25
N LYS B 114 -14.68 -7.04 -11.60
CA LYS B 114 -13.34 -7.56 -11.78
C LYS B 114 -12.56 -6.75 -12.80
N ALA B 115 -11.25 -6.66 -12.59
CA ALA B 115 -10.39 -5.94 -13.51
C ALA B 115 -10.45 -6.58 -14.90
N LYS B 116 -10.44 -5.75 -15.93
CA LYS B 116 -10.59 -6.22 -17.29
C LYS B 116 -9.24 -6.65 -17.87
N GLY B 117 -9.28 -7.62 -18.77
CA GLY B 117 -8.08 -8.10 -19.40
C GLY B 117 -7.80 -9.57 -19.17
N GLN B 118 -6.97 -10.11 -20.04
CA GLN B 118 -6.66 -11.52 -20.08
C GLN B 118 -5.98 -11.98 -18.79
N PRO B 119 -6.59 -12.89 -18.03
CA PRO B 119 -5.90 -13.43 -16.83
C PRO B 119 -4.57 -14.08 -17.22
N ARG B 120 -3.59 -13.94 -16.35
CA ARG B 120 -2.27 -14.52 -16.53
C ARG B 120 -1.91 -15.32 -15.29
N GLU B 121 -1.32 -16.49 -15.51
CA GLU B 121 -1.03 -17.44 -14.44
C GLU B 121 0.17 -16.99 -13.62
N PRO B 122 0.10 -17.02 -12.30
CA PRO B 122 1.29 -16.72 -11.50
C PRO B 122 2.32 -17.84 -11.60
N GLN B 123 3.59 -17.45 -11.60
CA GLN B 123 4.68 -18.37 -11.36
C GLN B 123 5.03 -18.23 -9.89
N VAL B 124 5.29 -19.36 -9.21
CA VAL B 124 5.52 -19.35 -7.77
C VAL B 124 6.91 -19.91 -7.52
N TYR B 125 7.71 -19.18 -6.74
CA TYR B 125 9.06 -19.62 -6.41
C TYR B 125 9.25 -19.47 -4.93
N THR B 126 9.84 -20.49 -4.31
CA THR B 126 10.20 -20.44 -2.91
C THR B 126 11.71 -20.23 -2.83
N LEU B 127 12.12 -19.30 -1.98
CA LEU B 127 13.52 -18.94 -1.85
C LEU B 127 13.91 -19.10 -0.38
N PRO B 128 15.01 -19.81 -0.10
CA PRO B 128 15.38 -20.08 1.30
C PRO B 128 16.02 -18.87 1.93
N PRO B 129 16.17 -18.86 3.25
CA PRO B 129 16.83 -17.72 3.90
C PRO B 129 18.25 -17.55 3.39
N SER B 130 18.67 -16.31 3.26
CA SER B 130 20.09 -16.01 3.10
C SER B 130 20.89 -16.69 4.21
N ARG B 131 22.10 -17.17 3.87
CA ARG B 131 22.95 -17.78 4.89
C ARG B 131 23.25 -16.81 6.02
N ASP B 132 23.23 -15.50 5.72
CA ASP B 132 23.53 -14.49 6.72
C ASP B 132 22.45 -14.41 7.80
N GLU B 133 21.20 -14.70 7.46
CA GLU B 133 20.09 -14.44 8.37
C GLU B 133 20.15 -15.34 9.60
N TYR B 134 20.87 -16.47 9.51
CA TYR B 134 20.90 -17.44 10.60
C TYR B 134 21.58 -16.88 11.84
N LEU B 135 22.37 -15.82 11.69
CA LEU B 135 22.93 -15.16 12.87
C LEU B 135 21.84 -14.59 13.75
N TYR B 136 20.58 -14.59 13.30
CA TYR B 136 19.43 -14.30 14.11
C TYR B 136 18.66 -15.56 14.47
N GLY B 137 17.81 -15.46 15.49
CA GLY B 137 17.05 -16.58 16.01
C GLY B 137 15.88 -17.00 15.16
N ASP B 138 15.51 -16.18 14.18
CA ASP B 138 14.43 -16.49 13.25
C ASP B 138 14.89 -16.18 11.84
N VAL B 139 14.50 -17.04 10.90
CA VAL B 139 14.90 -16.89 9.51
C VAL B 139 13.63 -16.79 8.67
N SER B 140 13.78 -16.25 7.47
CA SER B 140 12.65 -15.89 6.63
C SER B 140 12.59 -16.85 5.45
N LEU B 141 11.45 -17.51 5.28
CA LEU B 141 11.19 -18.27 4.07
C LEU B 141 10.40 -17.37 3.13
N THR B 142 10.88 -17.22 1.90
CA THR B 142 10.29 -16.30 0.94
C THR B 142 9.59 -17.03 -0.19
N CYS B 143 8.44 -16.51 -0.59
CA CYS B 143 7.66 -17.03 -1.72
C CYS B 143 7.43 -15.89 -2.70
N LEU B 144 8.03 -15.97 -3.87
CA LEU B 144 7.85 -14.96 -4.90
C LEU B 144 6.73 -15.43 -5.83
N VAL B 145 5.70 -14.61 -5.98
CA VAL B 145 4.57 -14.89 -6.85
C VAL B 145 4.53 -13.77 -7.89
N LYS B 146 4.79 -14.11 -9.15
CA LYS B 146 4.93 -13.08 -10.17
C LYS B 146 4.20 -13.45 -11.46
N GLY B 147 3.99 -12.42 -12.27
CA GLY B 147 3.39 -12.59 -13.57
C GLY B 147 1.90 -12.83 -13.58
N PHE B 148 1.17 -12.56 -12.50
CA PHE B 148 -0.25 -12.86 -12.49
C PHE B 148 -1.07 -11.63 -12.84
N TYR B 149 -2.26 -11.89 -13.37
CA TYR B 149 -3.24 -10.87 -13.67
C TYR B 149 -4.62 -11.52 -13.66
N PRO B 150 -5.64 -10.85 -13.09
CA PRO B 150 -5.59 -9.57 -12.38
C PRO B 150 -4.91 -9.72 -11.01
N SER B 151 -4.91 -8.66 -10.19
CA SER B 151 -4.15 -8.67 -8.94
C SER B 151 -4.85 -9.41 -7.81
N ASP B 152 -6.07 -9.91 -8.03
CA ASP B 152 -6.80 -10.60 -6.97
C ASP B 152 -6.22 -11.98 -6.75
N ILE B 153 -5.73 -12.23 -5.53
CA ILE B 153 -4.94 -13.42 -5.26
C ILE B 153 -4.98 -13.68 -3.77
N ALA B 154 -4.77 -14.94 -3.39
CA ALA B 154 -4.65 -15.35 -2.00
C ALA B 154 -3.41 -16.22 -1.85
N VAL B 155 -2.66 -15.99 -0.78
CA VAL B 155 -1.43 -16.71 -0.50
C VAL B 155 -1.44 -17.18 0.95
N GLU B 156 -1.08 -18.43 1.16
CA GLU B 156 -1.06 -19.03 2.49
C GLU B 156 0.15 -19.96 2.57
N TRP B 157 0.51 -20.34 3.79
CA TRP B 157 1.61 -21.28 4.01
C TRP B 157 1.14 -22.47 4.82
N GLU B 158 1.81 -23.59 4.64
CA GLU B 158 1.56 -24.75 5.48
C GLU B 158 2.83 -25.60 5.58
N SER B 159 2.82 -26.53 6.54
CA SER B 159 3.82 -27.59 6.61
C SER B 159 3.13 -28.86 7.07
N ASN B 160 3.55 -30.00 6.50
CA ASN B 160 2.98 -31.30 6.84
C ASN B 160 1.45 -31.25 6.87
N GLY B 161 0.88 -30.51 5.91
CA GLY B 161 -0.55 -30.47 5.69
C GLY B 161 -1.36 -29.56 6.59
N GLN B 162 -0.72 -28.89 7.57
CA GLN B 162 -1.45 -27.98 8.46
C GLN B 162 -0.97 -26.53 8.25
N PRO B 163 -1.84 -25.55 8.46
CA PRO B 163 -1.45 -24.16 8.16
C PRO B 163 -0.31 -23.68 9.04
N GLU B 164 0.57 -22.88 8.44
CA GLU B 164 1.59 -22.12 9.15
C GLU B 164 1.21 -20.66 8.99
N ASN B 165 1.00 -19.95 10.10
CA ASN B 165 0.39 -18.64 10.03
C ASN B 165 1.28 -17.49 10.44
N ASN B 166 2.54 -17.73 10.80
CA ASN B 166 3.48 -16.64 11.10
C ASN B 166 4.08 -16.03 9.83
N TYR B 167 3.21 -15.60 8.94
CA TYR B 167 3.65 -15.03 7.67
C TYR B 167 2.97 -13.69 7.45
N LYS B 168 3.62 -12.90 6.60
CA LYS B 168 3.10 -11.63 6.12
C LYS B 168 3.27 -11.60 4.62
N THR B 169 2.35 -10.95 3.93
CA THR B 169 2.40 -10.89 2.48
C THR B 169 2.27 -9.46 1.99
N THR B 170 3.12 -9.09 1.03
CA THR B 170 3.06 -7.74 0.50
C THR B 170 1.81 -7.59 -0.35
N PRO B 171 1.35 -6.37 -0.56
CA PRO B 171 0.34 -6.16 -1.59
C PRO B 171 0.89 -6.51 -2.96
N PRO B 172 0.02 -6.71 -3.93
CA PRO B 172 0.50 -6.88 -5.30
C PRO B 172 1.13 -5.59 -5.80
N VAL B 173 2.22 -5.73 -6.55
CA VAL B 173 2.94 -4.61 -7.14
C VAL B 173 2.86 -4.73 -8.66
N LEU B 174 2.44 -3.66 -9.32
CA LEU B 174 2.43 -3.62 -10.77
C LEU B 174 3.84 -3.72 -11.33
N ASP B 175 4.10 -4.76 -12.09
CA ASP B 175 5.38 -4.97 -12.73
C ASP B 175 5.41 -4.26 -14.08
N SER B 176 6.60 -4.22 -14.68
CA SER B 176 6.79 -3.43 -15.90
C SER B 176 6.03 -3.99 -17.09
N ASP B 177 5.71 -5.29 -17.09
CA ASP B 177 5.00 -5.88 -18.22
C ASP B 177 3.49 -5.84 -18.03
N GLY B 178 3.00 -5.13 -17.01
CA GLY B 178 1.57 -5.07 -16.78
C GLY B 178 1.03 -6.21 -15.94
N SER B 179 1.84 -7.21 -15.63
CA SER B 179 1.43 -8.22 -14.66
C SER B 179 1.75 -7.71 -13.26
N PHE B 180 1.36 -8.48 -12.24
CA PHE B 180 1.62 -8.12 -10.85
C PHE B 180 2.57 -9.12 -10.22
N PHE B 181 3.25 -8.68 -9.16
CA PHE B 181 3.98 -9.63 -8.34
C PHE B 181 3.80 -9.28 -6.86
N LEU B 182 4.18 -10.22 -6.02
CA LEU B 182 4.22 -9.99 -4.58
C LEU B 182 5.19 -10.99 -4.00
N TYR B 183 5.53 -10.76 -2.74
CA TYR B 183 6.30 -11.71 -1.95
C TYR B 183 5.54 -12.02 -0.67
N SER B 184 5.76 -13.21 -0.15
CA SER B 184 5.18 -13.60 1.12
C SER B 184 6.31 -14.13 1.98
N LYS B 185 6.35 -13.70 3.24
CA LYS B 185 7.47 -14.01 4.12
C LYS B 185 6.94 -14.83 5.28
N LEU B 186 7.45 -16.04 5.42
CA LEU B 186 7.16 -16.90 6.56
C LEU B 186 8.34 -16.83 7.49
N THR B 187 8.10 -16.46 8.74
CA THR B 187 9.14 -16.40 9.74
C THR B 187 9.16 -17.72 10.50
N VAL B 188 10.35 -18.33 10.59
CA VAL B 188 10.51 -19.65 11.18
C VAL B 188 11.64 -19.63 12.22
N PRO B 189 11.56 -20.46 13.29
CA PRO B 189 12.59 -20.42 14.35
C PRO B 189 13.93 -21.10 14.07
N ARG B 190 14.40 -21.12 12.83
CA ARG B 190 15.80 -21.43 12.54
C ARG B 190 16.15 -22.92 12.63
N HIS B 191 15.44 -23.69 13.45
CA HIS B 191 15.61 -25.14 13.43
C HIS B 191 14.92 -25.70 12.20
N SER B 192 15.66 -26.46 11.39
CA SER B 192 15.13 -27.00 10.14
C SER B 192 16.18 -27.81 9.39
N GLY B 201 9.20 -30.42 11.26
CA GLY B 201 8.69 -30.48 9.90
C GLY B 201 9.46 -29.56 8.97
N ASN B 202 10.57 -30.06 8.43
CA ASN B 202 11.46 -29.27 7.61
C ASN B 202 10.89 -28.91 6.24
N VAL B 203 9.66 -29.31 5.90
CA VAL B 203 9.09 -29.07 4.58
C VAL B 203 7.98 -28.02 4.70
N PHE B 204 8.15 -26.90 4.01
CA PHE B 204 7.21 -25.79 4.05
C PHE B 204 6.66 -25.53 2.66
N SER B 205 5.38 -25.16 2.60
CA SER B 205 4.70 -24.96 1.33
C SER B 205 4.04 -23.59 1.28
N CYS B 206 4.23 -22.94 0.14
CA CYS B 206 3.55 -21.70 -0.22
C CYS B 206 2.36 -22.07 -1.11
N SER B 207 1.16 -21.70 -0.69
CA SER B 207 -0.07 -22.02 -1.42
C SER B 207 -0.58 -20.74 -2.08
N VAL B 208 -0.92 -20.82 -3.36
CA VAL B 208 -1.37 -19.65 -4.12
C VAL B 208 -2.68 -19.97 -4.82
N MET B 209 -3.67 -19.10 -4.65
CA MET B 209 -4.96 -19.19 -5.30
C MET B 209 -5.17 -18.01 -6.24
N HIS B 210 -5.56 -18.30 -7.47
CA HIS B 210 -5.71 -17.29 -8.51
C HIS B 210 -6.56 -17.88 -9.62
N GLU B 211 -7.37 -17.02 -10.22
CA GLU B 211 -8.34 -17.53 -11.19
C GLU B 211 -7.67 -18.23 -12.36
N ALA B 212 -6.44 -17.86 -12.71
CA ALA B 212 -5.82 -18.38 -13.93
C ALA B 212 -5.04 -19.67 -13.70
N LEU B 213 -4.98 -20.19 -12.48
CA LEU B 213 -4.32 -21.46 -12.23
C LEU B 213 -5.31 -22.59 -12.45
N HIS B 214 -4.80 -23.74 -12.87
CA HIS B 214 -5.61 -24.94 -12.91
C HIS B 214 -6.18 -25.24 -11.53
N ASN B 215 -7.50 -25.44 -11.48
CA ASN B 215 -8.23 -25.65 -10.24
C ASN B 215 -8.05 -24.49 -9.28
N HIS B 216 -7.68 -23.32 -9.80
CA HIS B 216 -7.50 -22.09 -9.02
C HIS B 216 -6.49 -22.24 -7.88
N TYR B 217 -5.60 -23.22 -7.93
CA TYR B 217 -4.75 -23.47 -6.79
C TYR B 217 -3.43 -24.08 -7.23
N THR B 218 -2.36 -23.70 -6.53
CA THR B 218 -1.07 -24.35 -6.73
C THR B 218 -0.26 -24.25 -5.45
N GLN B 219 0.67 -25.18 -5.29
CA GLN B 219 1.56 -25.24 -4.14
C GLN B 219 3.00 -25.29 -4.63
N LYS B 220 3.89 -24.66 -3.87
CA LYS B 220 5.33 -24.76 -4.14
C LYS B 220 6.03 -24.98 -2.82
N SER B 221 6.79 -26.07 -2.72
CA SER B 221 7.39 -26.47 -1.46
C SER B 221 8.84 -26.03 -1.38
N LEU B 222 9.36 -26.05 -0.15
CA LEU B 222 10.70 -25.60 0.17
C LEU B 222 11.31 -26.61 1.15
N SER B 223 12.53 -27.06 0.87
CA SER B 223 13.09 -28.21 1.58
C SER B 223 13.45 -27.89 3.03
N LEU B 224 14.09 -26.75 3.28
CA LEU B 224 14.48 -26.38 4.65
C LEU B 224 15.25 -25.07 4.64
C1 NAG C . -8.92 21.69 -8.66
C2 NAG C . -9.67 20.57 -8.02
C3 NAG C . -8.79 19.87 -7.00
C4 NAG C . -7.45 19.49 -7.64
C5 NAG C . -6.86 20.59 -8.53
C6 NAG C . -5.74 20.09 -9.42
C7 NAG C . -12.13 20.62 -7.68
C8 NAG C . -12.24 19.55 -8.73
N2 NAG C . -10.90 21.06 -7.40
O3 NAG C . -9.45 18.72 -6.51
O4 NAG C . -6.52 19.29 -6.58
O5 NAG C . -7.85 21.18 -9.38
O6 NAG C . -6.22 19.60 -10.67
O7 NAG C . -13.13 21.07 -7.11
H2 NAG C . -9.92 19.92 -8.72
H3 NAG C . -8.61 20.49 -6.27
H4 NAG C . -7.55 18.66 -8.15
H5 NAG C . -6.50 21.29 -7.94
H61 NAG C . -5.26 19.38 -8.96
H62 NAG C . -5.12 20.83 -9.59
H81 NAG C . -13.17 19.31 -8.86
H82 NAG C . -11.74 18.76 -8.44
H83 NAG C . -11.87 19.88 -9.58
HN2 NAG C . -10.82 21.70 -6.76
HO3 NAG C . -9.32 18.67 -5.63
HO6 NAG C . -6.83 20.15 -10.98
C1 NAG C . -6.57 17.98 -6.04
C2 NAG C . -5.15 17.74 -5.60
C3 NAG C . -5.01 16.37 -4.96
C4 NAG C . -6.06 16.19 -3.86
C5 NAG C . -7.45 16.55 -4.37
C6 NAG C . -8.50 16.57 -3.30
C7 NAG C . -3.29 18.82 -6.79
C8 NAG C . -2.46 18.81 -8.04
N2 NAG C . -4.24 17.88 -6.73
O3 NAG C . -3.71 16.25 -4.41
O4 NAG C . -6.08 14.83 -3.44
O5 NAG C . -7.43 17.87 -4.95
O6 NAG C . -9.63 17.32 -3.70
O7 NAG C . -3.09 19.60 -5.88
H2 NAG C . -4.92 18.41 -4.94
H3 NAG C . -5.14 15.68 -5.64
H4 NAG C . -5.83 16.76 -3.10
H5 NAG C . -7.70 15.91 -5.06
H61 NAG C . -8.13 16.97 -2.48
H62 NAG C . -8.78 15.65 -3.11
H81 NAG C . -1.79 19.53 -7.99
H82 NAG C . -3.05 18.97 -8.82
H83 NAG C . -2.01 17.96 -8.14
HN2 NAG C . -4.34 17.32 -7.44
HO3 NAG C . -3.53 15.39 -4.25
HO6 NAG C . -10.25 17.28 -3.07
C1 BMA C . -5.09 14.51 -2.46
C2 BMA C . -5.73 13.46 -1.50
C3 BMA C . -4.67 12.89 -0.55
C4 BMA C . -3.42 12.46 -1.27
C5 BMA C . -2.89 13.59 -2.16
C6 BMA C . -1.73 13.14 -3.00
O2 BMA C . -6.25 12.37 -2.24
O3 BMA C . -5.15 11.74 0.16
O4 BMA C . -2.44 12.11 -0.30
O5 BMA C . -3.93 14.01 -3.08
O6 BMA C . -1.37 14.26 -3.80
H1 BMA C . -4.83 15.41 -1.88
H2 BMA C . -6.53 13.96 -0.93
H3 BMA C . -4.40 13.63 0.22
H4 BMA C . -3.67 11.60 -1.92
H5 BMA C . -2.57 14.43 -1.54
H61 BMA C . -2.05 12.28 -3.61
H62 BMA C . -0.92 12.83 -2.33
HO2 BMA C . -6.54 12.73 -3.09
C1 MAN C . -0.04 14.12 -4.34
C2 MAN C . 0.38 15.50 -4.85
C3 MAN C . -0.58 15.87 -5.97
C4 MAN C . -0.54 14.82 -7.07
C5 MAN C . -0.94 13.47 -6.45
C6 MAN C . -0.90 12.29 -7.39
O2 MAN C . 1.69 15.48 -5.41
O3 MAN C . -0.34 17.17 -6.52
O4 MAN C . -1.43 15.16 -8.12
O5 MAN C . -0.02 13.17 -5.37
O6 MAN C . -1.66 11.26 -6.76
H1 MAN C . 0.66 13.73 -3.58
H2 MAN C . 0.31 16.23 -4.02
H3 MAN C . -1.60 15.90 -5.57
H4 MAN C . 0.51 14.73 -7.44
H5 MAN C . -1.95 13.56 -6.05
H61 MAN C . -1.32 12.60 -8.36
H62 MAN C . 0.15 12.01 -7.54
HO3 MAN C . -0.46 17.79 -5.78
HO6 MAN C . -1.75 10.54 -7.41
C1 NAG C . 2.71 15.57 -4.40
C2 NAG C . 3.85 14.67 -4.86
C3 NAG C . 5.01 14.73 -3.86
C4 NAG C . 5.44 16.18 -3.67
C5 NAG C . 4.25 17.03 -3.25
C6 NAG C . 4.59 18.50 -3.17
C7 NAG C . 3.46 12.63 -6.17
C8 NAG C . 2.95 11.22 -6.17
N2 NAG C . 3.39 13.29 -5.01
O3 NAG C . 6.10 13.98 -4.38
O4 NAG C . 6.46 16.27 -2.69
O5 NAG C . 3.19 16.91 -4.23
O6 NAG C . 3.80 19.29 -4.06
O7 NAG C . 3.93 13.15 -7.18
H1 NAG C . 2.35 15.24 -3.55
H2 NAG C . 4.17 14.98 -5.72
H3 NAG C . 4.73 14.37 -3.01
H4 NAG C . 5.80 16.52 -4.52
H5 NAG C . 3.92 16.73 -2.39
H61 NAG C . 5.53 18.63 -3.39
H62 NAG C . 4.43 18.81 -2.26
H81 NAG C . 3.04 10.84 -7.05
H82 NAG C . 2.00 11.22 -5.91
H83 NAG C . 3.45 10.70 -5.52
HN2 NAG C . 3.04 12.86 -4.28
HO3 NAG C . 5.94 13.11 -4.25
HO4 NAG C . 7.04 16.90 -2.91
HO6 NAG C . 3.27 18.75 -4.53
C1 MAN C . -5.24 11.90 1.59
C2 MAN C . -5.06 10.52 2.28
C3 MAN C . -6.23 9.62 1.90
C4 MAN C . -7.56 10.33 2.18
C5 MAN C . -7.59 11.69 1.46
C6 MAN C . -8.83 12.49 1.73
O2 MAN C . -5.12 10.63 3.72
O3 MAN C . -6.19 8.37 2.56
O4 MAN C . -8.63 9.53 1.74
O5 MAN C . -6.47 12.48 1.90
O6 MAN C . -8.66 13.77 1.13
H1 MAN C . -4.48 12.62 1.95
H2 MAN C . -4.12 10.07 1.95
H3 MAN C . -6.18 9.41 0.82
H4 MAN C . -7.63 10.52 3.27
H5 MAN C . -7.52 11.51 0.37
H61 MAN C . -8.96 12.56 2.82
H62 MAN C . -9.68 11.95 1.31
HO2 MAN C . -5.59 9.86 4.06
HO6 MAN C . -7.71 13.98 1.15
C1 NAG D . -16.30 8.74 11.91
C2 NAG D . -15.68 9.46 10.73
C3 NAG D . -15.68 8.56 9.50
C4 NAG D . -15.00 7.22 9.81
C5 NAG D . -15.58 6.59 11.08
C6 NAG D . -14.80 5.38 11.53
C7 NAG D . -15.79 11.92 10.44
C8 NAG D . -14.32 11.96 10.76
N2 NAG D . -16.37 10.70 10.43
O3 NAG D . -15.00 9.20 8.43
O4 NAG D . -15.21 6.33 8.72
O5 NAG D . -15.59 7.52 12.17
O6 NAG D . -13.45 5.71 11.84
O7 NAG D . -16.43 12.93 10.19
H2 NAG D . -14.74 9.66 10.95
H3 NAG D . -16.61 8.38 9.23
H4 NAG D . -14.04 7.37 9.93
H5 NAG D . -16.50 6.32 10.90
H61 NAG D . -14.81 4.70 10.83
H62 NAG D . -15.22 5.02 12.34
H81 NAG D . -14.02 12.88 10.72
H82 NAG D . -13.83 11.43 10.10
H83 NAG D . -14.17 11.60 11.65
HN2 NAG D . -17.26 10.65 10.24
HO3 NAG D . -14.15 8.94 8.42
HO6 NAG D . -13.02 4.98 12.09
C1 NAG D . -14.09 6.29 7.81
C2 NAG D . -14.27 5.06 6.95
C3 NAG D . -13.10 4.92 5.98
C4 NAG D . -12.94 6.20 5.16
C5 NAG D . -12.89 7.44 6.07
C6 NAG D . -12.97 8.73 5.30
C7 NAG D . -15.52 3.14 7.82
C8 NAG D . -15.48 1.94 8.72
N2 NAG D . -14.40 3.87 7.77
O3 NAG D . -13.35 3.82 5.10
O4 NAG D . -11.71 6.13 4.42
O5 NAG D . -14.00 7.45 6.98
O6 NAG D . -14.09 9.51 5.69
O7 NAG D . -16.53 3.44 7.18
H2 NAG D . -15.09 5.17 6.43
H3 NAG D . -12.29 4.75 6.48
H4 NAG D . -13.68 6.29 4.54
H5 NAG D . -12.06 7.42 6.59
H61 NAG D . -13.03 8.53 4.34
H62 NAG D . -12.15 9.25 5.45
H81 NAG D . -16.35 1.48 8.69
H82 NAG D . -15.29 2.23 9.63
H83 NAG D . -14.78 1.34 8.42
HN2 NAG D . -13.69 3.61 8.26
HO3 NAG D . -12.59 3.49 4.81
HO6 NAG D . -14.03 9.70 6.55
C1 BMA D . -11.94 5.36 3.21
C2 BMA D . -11.19 6.05 2.02
C3 BMA D . -11.46 5.24 0.75
C4 BMA D . -11.15 3.77 0.95
C5 BMA D . -11.90 3.21 2.20
C6 BMA D . -11.62 1.71 2.42
O2 BMA D . -9.78 6.05 2.22
O3 BMA D . -10.76 5.76 -0.38
O4 BMA D . -11.56 3.05 -0.20
O5 BMA D . -11.51 3.99 3.34
O6 BMA D . -11.42 1.40 3.80
H2 BMA D . -11.57 7.08 1.91
H3 BMA D . -12.52 5.33 0.49
H4 BMA D . -10.07 3.65 1.12
H5 BMA D . -12.98 3.32 2.03
H61 BMA D . -10.74 1.44 1.81
H62 BMA D . -12.48 1.17 2.01
HO2 BMA D . -9.38 5.98 1.34
HO4 BMA D . -11.06 2.21 -0.18
C1 MAN D . -11.66 6.61 -1.12
C2 MAN D . -11.57 6.24 -2.60
C3 MAN D . -10.14 6.36 -3.07
C4 MAN D . -9.51 7.72 -2.70
C5 MAN D . -9.88 8.19 -1.26
C6 MAN D . -9.65 9.65 -1.11
O2 MAN D . -12.29 7.17 -3.40
O3 MAN D . -10.07 6.14 -4.48
O4 MAN D . -8.10 7.63 -2.76
O5 MAN D . -11.27 7.94 -0.97
O6 MAN D . -8.27 9.87 -1.33
H2 MAN D . -11.94 5.21 -2.72
H3 MAN D . -9.54 5.56 -2.60
H4 MAN D . -9.89 8.47 -3.41
H5 MAN D . -9.26 7.65 -0.54
H61 MAN D . -9.96 9.97 -0.10
H62 MAN D . -10.27 10.19 -1.85
HO2 MAN D . -11.89 7.19 -4.29
HO3 MAN D . -9.12 6.08 -4.69
HO4 MAN D . -7.77 8.49 -2.43
HO6 MAN D . -8.16 10.73 -1.76
C1 MAN D . -12.61 0.91 4.48
C2 MAN D . -12.12 0.57 5.89
C3 MAN D . -11.25 -0.66 5.81
C4 MAN D . -12.05 -1.88 5.32
C5 MAN D . -12.78 -1.60 3.98
C6 MAN D . -13.96 -2.56 3.80
O2 MAN D . -13.22 0.22 6.76
O3 MAN D . -10.63 -0.93 7.07
O4 MAN D . -11.18 -3.00 5.13
O5 MAN D . -13.29 -0.22 3.86
O6 MAN D . -13.47 -3.91 3.68
H2 MAN D . -11.55 1.41 6.30
H3 MAN D . -10.43 -0.47 5.10
H4 MAN D . -12.82 -2.11 6.08
H5 MAN D . -12.06 -1.80 3.17
H61 MAN D . -14.52 -2.26 2.90
H62 MAN D . -14.62 -2.44 4.66
HO2 MAN D . -12.88 0.13 7.66
HO3 MAN D . -10.08 -1.72 6.92
HO4 MAN D . -11.67 -3.61 4.56
HO6 MAN D . -14.23 -4.48 3.49
#